data_3APZ
#
_entry.id   3APZ
#
_cell.length_a   148.512
_cell.length_b   150.126
_cell.length_c   176.112
_cell.angle_alpha   90.000
_cell.angle_beta   90.000
_cell.angle_gamma   90.000
#
_symmetry.space_group_name_H-M   'F 2 2 2'
#
loop_
_entity.id
_entity.type
_entity.pdbx_description
1 polymer 'Geranyl diphosphate synthase'
2 water water
#
_entity_poly.entity_id   1
_entity_poly.type   'polypeptide(L)'
_entity_poly.pdbx_seq_one_letter_code
;GSLVEEELDPFSLVADELSLLSNKLREMVLAEVPKLASAAEYFFKRGVQGKQFRSTILLLMATALDVRVPEALIGESTDI
VTSELRVRQRGIAEITEMIHVASLLHDDVLDDADTRRGVGSLNVVMGNKMSVLAGDFLLSRACGALAALKNTEVVALLAT
AVEHLVTGETMEITSSTEQRYSMDYYMQKTYYKTASLISNSCKAVAVLTGQTAEVAVLAFEYGRNLGLAFQLIDDILDFT
GTSASLGKGSLSDIRHGVITAPILFAMEEFPQLREVVDQVEKDPRNVDIALEYLGKSKGIQRARELAMEHANLAAAAIGS
LPETDNEDVKRSRRALIDLTHRVITRNK
;
_entity_poly.pdbx_strand_id   A,B
#
# COMPACT_ATOMS: atom_id res chain seq x y z
N LEU A 8 31.46 30.42 -12.93
CA LEU A 8 30.84 30.35 -14.30
C LEU A 8 29.85 29.16 -14.40
N ASP A 9 30.40 27.95 -14.54
CA ASP A 9 29.62 26.71 -14.64
C ASP A 9 29.95 25.92 -13.38
N PRO A 10 28.94 25.62 -12.55
CA PRO A 10 29.21 24.88 -11.32
C PRO A 10 30.28 23.81 -11.40
N PHE A 11 30.37 23.12 -12.53
CA PHE A 11 31.37 22.07 -12.66
C PHE A 11 32.76 22.58 -12.98
N SER A 12 32.89 23.28 -14.11
CA SER A 12 34.18 23.84 -14.55
C SER A 12 34.86 24.66 -13.45
N LEU A 13 34.10 24.98 -12.40
CA LEU A 13 34.62 25.76 -11.29
C LEU A 13 35.45 24.89 -10.36
N VAL A 14 35.21 23.59 -10.42
CA VAL A 14 35.93 22.67 -9.56
C VAL A 14 36.52 21.50 -10.38
N ALA A 15 36.63 21.71 -11.69
CA ALA A 15 37.16 20.72 -12.63
C ALA A 15 38.58 20.23 -12.28
N ASP A 16 39.36 21.07 -11.60
CA ASP A 16 40.71 20.68 -11.21
C ASP A 16 40.68 19.72 -10.03
N GLU A 17 39.95 20.09 -8.97
CA GLU A 17 39.86 19.21 -7.81
C GLU A 17 39.22 17.88 -8.23
N LEU A 18 38.43 17.87 -9.30
CA LEU A 18 37.81 16.62 -9.77
C LEU A 18 38.87 15.78 -10.47
N SER A 19 39.69 16.40 -11.32
CA SER A 19 40.76 15.68 -12.02
C SER A 19 41.64 14.94 -11.01
N LEU A 20 41.90 15.57 -9.87
CA LEU A 20 42.71 14.94 -8.85
C LEU A 20 42.06 13.64 -8.43
N LEU A 21 40.77 13.66 -8.20
CA LEU A 21 40.08 12.45 -7.77
C LEU A 21 40.01 11.40 -8.87
N SER A 22 40.07 11.82 -10.14
CA SER A 22 40.02 10.89 -11.25
C SER A 22 41.36 10.17 -11.28
N ASN A 23 42.41 10.93 -10.99
CA ASN A 23 43.78 10.41 -10.95
C ASN A 23 43.89 9.46 -9.77
N LYS A 24 43.62 9.94 -8.56
CA LYS A 24 43.70 9.12 -7.36
C LYS A 24 42.83 7.90 -7.47
N LEU A 25 42.12 7.77 -8.58
CA LEU A 25 41.30 6.58 -8.77
C LEU A 25 42.19 5.58 -9.48
N ARG A 26 43.44 5.98 -9.68
CA ARG A 26 44.42 5.12 -10.33
C ARG A 26 45.02 4.21 -9.25
N GLU A 27 44.44 4.26 -8.05
CA GLU A 27 44.90 3.38 -6.97
C GLU A 27 44.73 2.02 -7.63
N MET A 28 43.90 2.03 -8.68
CA MET A 28 43.62 0.86 -9.49
C MET A 28 44.84 0.62 -10.37
N VAL A 29 45.83 -0.04 -9.80
CA VAL A 29 47.06 -0.40 -10.52
C VAL A 29 47.64 -1.57 -9.72
N LEU A 30 46.86 -2.63 -9.66
CA LEU A 30 47.23 -3.85 -8.97
C LEU A 30 47.33 -4.90 -10.07
N ALA A 31 48.53 -5.44 -10.28
CA ALA A 31 48.77 -6.46 -11.33
C ALA A 31 48.01 -7.77 -11.09
N GLU A 32 47.52 -8.36 -12.19
CA GLU A 32 46.78 -9.62 -12.15
C GLU A 32 47.50 -10.72 -12.93
N VAL A 33 48.45 -11.35 -12.25
CA VAL A 33 49.28 -12.46 -12.79
C VAL A 33 48.52 -13.79 -12.61
N PRO A 34 48.28 -14.56 -13.71
CA PRO A 34 48.59 -14.41 -15.14
C PRO A 34 49.51 -13.29 -15.57
N GLY A 47 29.83 6.33 -18.32
CA GLY A 47 28.94 7.09 -17.37
C GLY A 47 29.70 7.72 -16.22
N VAL A 48 29.91 9.03 -16.30
CA VAL A 48 30.64 9.75 -15.27
C VAL A 48 29.82 10.91 -14.71
N GLN A 49 28.59 11.06 -15.20
CA GLN A 49 27.70 12.13 -14.72
C GLN A 49 27.35 11.93 -13.24
N GLY A 50 27.13 10.67 -12.85
CA GLY A 50 26.81 10.38 -11.46
C GLY A 50 27.89 10.86 -10.52
N LYS A 51 29.09 10.30 -10.68
CA LYS A 51 30.25 10.67 -9.87
C LYS A 51 30.38 12.19 -9.80
N GLN A 52 30.32 12.83 -10.97
CA GLN A 52 30.41 14.29 -11.08
C GLN A 52 29.47 15.04 -10.13
N PHE A 53 28.18 14.76 -10.22
CA PHE A 53 27.18 15.42 -9.38
C PHE A 53 27.52 15.36 -7.89
N ARG A 54 27.74 14.17 -7.36
CA ARG A 54 28.03 14.02 -5.94
C ARG A 54 29.35 14.65 -5.50
N SER A 55 30.40 14.39 -6.25
CA SER A 55 31.67 14.95 -5.85
C SER A 55 31.69 16.47 -5.97
N THR A 56 31.08 16.97 -7.04
CA THR A 56 30.99 18.40 -7.31
C THR A 56 30.30 19.10 -6.13
N ILE A 57 29.18 18.56 -5.71
CA ILE A 57 28.48 19.12 -4.58
C ILE A 57 29.46 19.19 -3.40
N LEU A 58 30.07 18.06 -3.06
CA LEU A 58 30.98 18.01 -1.92
C LEU A 58 32.17 18.94 -2.05
N LEU A 59 32.69 19.09 -3.25
CA LEU A 59 33.79 20.01 -3.39
C LEU A 59 33.32 21.47 -3.29
N LEU A 60 32.30 21.85 -4.05
CA LEU A 60 31.84 23.21 -3.94
C LEU A 60 31.50 23.50 -2.48
N MET A 61 30.76 22.62 -1.84
CA MET A 61 30.35 22.84 -0.46
C MET A 61 31.56 23.13 0.43
N ALA A 62 32.67 22.46 0.14
CA ALA A 62 33.87 22.64 0.92
C ALA A 62 34.42 24.07 0.80
N THR A 63 34.49 24.59 -0.42
CA THR A 63 34.99 25.93 -0.60
C THR A 63 33.94 26.99 -0.38
N ALA A 64 32.79 26.62 0.18
CA ALA A 64 31.68 27.57 0.41
C ALA A 64 31.46 27.84 1.88
N LEU A 65 32.35 27.32 2.70
CA LEU A 65 32.30 27.56 4.13
C LEU A 65 33.66 28.22 4.44
N ASP A 66 33.67 29.34 5.17
CA ASP A 66 34.95 29.96 5.47
C ASP A 66 35.58 29.11 6.55
N VAL A 67 36.85 28.77 6.36
CA VAL A 67 37.53 27.94 7.34
C VAL A 67 37.79 28.68 8.65
N THR A 82 46.46 24.20 5.07
CA THR A 82 45.18 24.47 4.36
C THR A 82 44.99 23.57 3.16
N SER A 83 46.10 23.07 2.60
CA SER A 83 46.03 22.16 1.45
C SER A 83 45.91 20.80 2.09
N GLU A 84 46.09 20.78 3.41
CA GLU A 84 46.02 19.59 4.23
C GLU A 84 44.57 19.33 4.60
N LEU A 85 43.73 20.34 4.36
CA LEU A 85 42.28 20.25 4.63
C LEU A 85 41.63 19.94 3.29
N ARG A 86 42.13 20.59 2.25
CA ARG A 86 41.66 20.38 0.89
C ARG A 86 41.72 18.87 0.65
N VAL A 87 42.78 18.23 1.14
CA VAL A 87 42.94 16.80 0.98
C VAL A 87 41.95 16.02 1.86
N ARG A 88 41.78 16.42 3.12
CA ARG A 88 40.84 15.74 3.99
C ARG A 88 39.43 15.88 3.40
N GLN A 89 39.09 17.08 2.96
CA GLN A 89 37.79 17.31 2.39
C GLN A 89 37.60 16.53 1.11
N ARG A 90 38.64 16.32 0.32
CA ARG A 90 38.55 15.49 -0.91
C ARG A 90 38.30 14.05 -0.51
N GLY A 91 38.87 13.66 0.62
CA GLY A 91 38.73 12.32 1.11
C GLY A 91 37.27 11.96 1.30
N ILE A 92 36.51 12.90 1.84
CA ILE A 92 35.11 12.64 2.04
C ILE A 92 34.49 12.35 0.69
N ALA A 93 34.98 13.02 -0.35
CA ALA A 93 34.43 12.80 -1.67
C ALA A 93 34.68 11.36 -2.10
N GLU A 94 35.88 10.86 -1.90
CA GLU A 94 36.23 9.47 -2.29
C GLU A 94 35.47 8.42 -1.47
N ILE A 95 35.29 8.71 -0.19
CA ILE A 95 34.57 7.84 0.73
C ILE A 95 33.11 7.76 0.29
N THR A 96 32.55 8.89 -0.10
CA THR A 96 31.16 8.97 -0.56
C THR A 96 30.97 8.12 -1.80
N GLU A 97 31.89 8.21 -2.75
CA GLU A 97 31.80 7.41 -3.95
C GLU A 97 32.02 5.92 -3.66
N MET A 98 32.86 5.59 -2.68
CA MET A 98 33.08 4.19 -2.30
C MET A 98 31.80 3.63 -1.70
N ILE A 99 31.26 4.34 -0.72
CA ILE A 99 30.04 3.88 -0.09
C ILE A 99 28.96 3.71 -1.12
N HIS A 100 28.87 4.67 -2.06
CA HIS A 100 27.87 4.64 -3.13
C HIS A 100 28.01 3.39 -3.98
N VAL A 101 29.17 3.21 -4.61
CA VAL A 101 29.39 2.04 -5.44
C VAL A 101 29.04 0.78 -4.65
N ALA A 102 29.52 0.70 -3.41
CA ALA A 102 29.22 -0.46 -2.58
C ALA A 102 27.71 -0.66 -2.49
N SER A 103 26.97 0.42 -2.67
CA SER A 103 25.52 0.36 -2.58
C SER A 103 24.93 -0.24 -3.83
N LEU A 104 25.53 0.12 -4.96
CA LEU A 104 25.06 -0.39 -6.24
C LEU A 104 25.24 -1.91 -6.28
N LEU A 105 26.46 -2.37 -5.96
CA LEU A 105 26.78 -3.79 -5.95
C LEU A 105 25.78 -4.56 -5.12
N HIS A 106 25.62 -4.22 -3.85
CA HIS A 106 24.67 -4.95 -3.04
C HIS A 106 23.24 -4.93 -3.60
N ASP A 107 22.90 -3.84 -4.27
CA ASP A 107 21.57 -3.72 -4.82
C ASP A 107 21.35 -4.81 -5.86
N ASP A 108 22.38 -5.13 -6.63
CA ASP A 108 22.24 -6.16 -7.65
C ASP A 108 21.78 -7.51 -7.15
N VAL A 109 22.32 -7.94 -6.02
CA VAL A 109 21.96 -9.24 -5.47
C VAL A 109 20.46 -9.51 -5.26
N MET A 126 28.65 -10.62 -12.44
CA MET A 126 29.83 -10.94 -11.58
C MET A 126 29.52 -12.09 -10.60
N GLY A 127 28.23 -12.40 -10.38
CA GLY A 127 27.87 -13.47 -9.49
C GLY A 127 27.57 -13.19 -8.03
N ASN A 128 26.35 -12.76 -7.75
CA ASN A 128 25.88 -12.50 -6.39
C ASN A 128 26.89 -12.38 -5.25
N LYS A 129 27.49 -13.51 -4.86
CA LYS A 129 28.45 -13.53 -3.76
C LYS A 129 29.71 -12.67 -4.00
N MET A 130 30.20 -12.63 -5.23
CA MET A 130 31.37 -11.82 -5.51
C MET A 130 30.92 -10.33 -5.61
N SER A 131 29.61 -10.09 -5.76
CA SER A 131 29.08 -8.73 -5.79
C SER A 131 29.15 -8.25 -4.34
N VAL A 132 28.58 -9.10 -3.48
CA VAL A 132 28.56 -8.89 -2.05
C VAL A 132 29.99 -8.68 -1.53
N LEU A 133 30.93 -9.51 -1.98
CA LEU A 133 32.29 -9.36 -1.52
C LEU A 133 32.85 -7.99 -1.87
N ALA A 134 32.85 -7.70 -3.17
CA ALA A 134 33.34 -6.43 -3.69
C ALA A 134 32.79 -5.29 -2.86
N GLY A 135 31.47 -5.29 -2.72
CA GLY A 135 30.81 -4.29 -1.91
C GLY A 135 31.39 -4.18 -0.52
N ASP A 136 31.54 -5.31 0.20
CA ASP A 136 32.10 -5.31 1.57
C ASP A 136 33.53 -4.87 1.54
N PHE A 137 34.25 -5.27 0.51
CA PHE A 137 35.62 -4.84 0.40
C PHE A 137 35.57 -3.32 0.46
N LEU A 138 34.79 -2.74 -0.45
CA LEU A 138 34.61 -1.30 -0.53
C LEU A 138 34.20 -0.70 0.79
N LEU A 139 33.22 -1.28 1.46
CA LEU A 139 32.84 -0.68 2.72
C LEU A 139 33.98 -0.69 3.70
N SER A 140 34.75 -1.76 3.71
CA SER A 140 35.84 -1.83 4.66
C SER A 140 36.80 -0.68 4.42
N ARG A 141 37.26 -0.53 3.18
CA ARG A 141 38.19 0.53 2.84
C ARG A 141 37.64 1.92 3.15
N ALA A 142 36.35 2.09 2.94
CA ALA A 142 35.76 3.37 3.23
C ALA A 142 35.85 3.61 4.72
N CYS A 143 35.71 2.55 5.49
CA CYS A 143 35.76 2.68 6.94
C CYS A 143 37.20 2.91 7.38
N GLY A 144 38.11 2.44 6.54
CA GLY A 144 39.52 2.62 6.85
C GLY A 144 39.82 4.08 6.61
N ALA A 145 39.70 4.50 5.35
CA ALA A 145 39.94 5.88 4.98
C ALA A 145 39.26 6.85 5.95
N LEU A 146 38.08 6.49 6.43
CA LEU A 146 37.36 7.35 7.34
C LEU A 146 38.06 7.52 8.67
N ALA A 147 38.63 6.44 9.19
CA ALA A 147 39.34 6.50 10.48
C ALA A 147 40.59 7.31 10.27
N ALA A 148 41.08 7.30 9.05
CA ALA A 148 42.29 8.02 8.69
C ALA A 148 42.10 9.53 8.76
N LEU A 149 40.86 10.00 8.69
CA LEU A 149 40.62 11.43 8.76
C LEU A 149 40.69 11.97 10.18
N LYS A 150 41.00 11.11 11.14
CA LYS A 150 41.10 11.49 12.57
C LYS A 150 39.89 12.28 13.10
N ASN A 151 38.68 11.88 12.74
CA ASN A 151 37.51 12.56 13.29
C ASN A 151 36.42 11.56 13.54
N THR A 152 36.05 11.43 14.80
CA THR A 152 35.03 10.50 15.18
C THR A 152 33.63 10.92 14.70
N GLU A 153 33.33 12.22 14.78
CA GLU A 153 32.01 12.71 14.37
C GLU A 153 31.76 12.37 12.91
N VAL A 154 32.75 12.57 12.06
CA VAL A 154 32.56 12.27 10.66
C VAL A 154 32.34 10.78 10.47
N VAL A 155 33.04 9.95 11.24
CA VAL A 155 32.90 8.50 11.11
C VAL A 155 31.45 8.15 11.39
N ALA A 156 30.93 8.71 12.46
CA ALA A 156 29.56 8.48 12.87
C ALA A 156 28.54 8.85 11.82
N LEU A 157 28.84 9.92 11.07
CA LEU A 157 27.95 10.42 10.02
C LEU A 157 27.82 9.52 8.84
N LEU A 158 28.93 8.98 8.35
CA LEU A 158 28.83 8.10 7.21
C LEU A 158 28.34 6.72 7.63
N ALA A 159 28.43 6.43 8.93
CA ALA A 159 27.93 5.14 9.42
C ALA A 159 26.40 5.22 9.33
N THR A 160 25.89 6.35 9.77
CA THR A 160 24.48 6.63 9.71
C THR A 160 24.03 6.70 8.26
N ALA A 161 24.87 7.21 7.37
CA ALA A 161 24.48 7.28 5.98
C ALA A 161 24.23 5.86 5.50
N VAL A 162 25.18 4.96 5.76
CA VAL A 162 25.06 3.58 5.33
C VAL A 162 23.83 2.95 5.97
N GLU A 163 23.52 3.33 7.19
CA GLU A 163 22.35 2.80 7.85
C GLU A 163 21.03 3.20 7.16
N HIS A 164 20.92 4.47 6.79
CA HIS A 164 19.72 4.96 6.11
C HIS A 164 19.57 4.24 4.80
N LEU A 165 20.69 4.10 4.09
CA LEU A 165 20.67 3.40 2.84
C LEU A 165 20.06 2.03 3.03
N VAL A 166 20.38 1.34 4.11
CA VAL A 166 19.81 0.01 4.32
C VAL A 166 18.33 0.14 4.60
N THR A 167 18.00 1.09 5.46
CA THR A 167 16.64 1.34 5.81
C THR A 167 15.78 1.60 4.57
N GLY A 168 16.31 2.35 3.63
CA GLY A 168 15.55 2.65 2.42
C GLY A 168 15.34 1.44 1.55
N GLU A 169 16.37 0.60 1.46
CA GLU A 169 16.32 -0.62 0.66
C GLU A 169 15.33 -1.58 1.28
N THR A 170 15.25 -1.53 2.60
CA THR A 170 14.32 -2.38 3.33
C THR A 170 12.88 -1.94 3.12
N MET A 171 12.67 -0.62 3.00
CA MET A 171 11.34 -0.06 2.77
C MET A 171 10.83 -0.38 1.37
N GLU A 172 11.76 -0.48 0.42
CA GLU A 172 11.45 -0.79 -0.96
C GLU A 172 11.01 -2.24 -0.96
N ILE A 173 11.80 -3.06 -0.29
CA ILE A 173 11.56 -4.49 -0.21
C ILE A 173 10.46 -4.93 0.76
N THR A 174 10.25 -4.20 1.84
CA THR A 174 9.28 -4.60 2.86
C THR A 174 8.03 -3.76 3.00
N SER A 175 7.57 -3.18 1.89
CA SER A 175 6.40 -2.32 1.92
C SER A 175 5.10 -3.06 1.63
N SER A 176 4.03 -2.61 2.30
CA SER A 176 2.73 -3.20 2.10
C SER A 176 2.23 -2.47 0.85
N THR A 177 1.30 -3.04 0.12
CA THR A 177 0.80 -2.35 -1.07
C THR A 177 0.45 -0.90 -0.72
N GLU A 178 -0.31 -0.72 0.35
CA GLU A 178 -0.72 0.59 0.82
C GLU A 178 0.46 1.53 1.06
N GLN A 179 1.63 0.96 1.38
CA GLN A 179 2.82 1.75 1.57
C GLN A 179 3.30 2.13 0.15
N ARG A 180 3.38 1.14 -0.74
CA ARG A 180 3.82 1.31 -2.14
C ARG A 180 3.06 2.40 -2.90
N TYR A 181 1.87 2.75 -2.45
CA TYR A 181 1.11 3.75 -3.15
C TYR A 181 0.96 5.05 -2.41
N SER A 182 1.74 5.20 -1.35
CA SER A 182 1.68 6.41 -0.57
C SER A 182 2.78 7.43 -0.87
N MET A 183 2.40 8.68 -1.11
CA MET A 183 3.44 9.67 -1.37
C MET A 183 4.30 9.91 -0.13
N ASP A 184 3.70 9.89 1.05
CA ASP A 184 4.47 10.09 2.28
C ASP A 184 5.57 9.03 2.42
N TYR A 185 5.17 7.78 2.34
CA TYR A 185 6.10 6.70 2.45
C TYR A 185 7.12 6.78 1.33
N TYR A 186 6.66 7.27 0.19
CA TYR A 186 7.52 7.34 -0.96
C TYR A 186 8.66 8.29 -0.72
N MET A 187 8.32 9.50 -0.27
CA MET A 187 9.32 10.51 -0.03
C MET A 187 10.29 10.15 1.08
N GLN A 188 9.79 9.42 2.09
CA GLN A 188 10.60 8.95 3.20
C GLN A 188 11.61 7.97 2.62
N LYS A 189 11.11 6.95 1.94
CA LYS A 189 12.01 5.94 1.41
C LYS A 189 12.96 6.61 0.46
N THR A 190 12.46 7.55 -0.30
CA THR A 190 13.30 8.24 -1.26
C THR A 190 14.39 8.97 -0.52
N TYR A 191 14.08 9.55 0.64
CA TYR A 191 15.11 10.25 1.36
C TYR A 191 16.23 9.28 1.72
N TYR A 192 15.86 8.22 2.44
CA TYR A 192 16.83 7.23 2.88
C TYR A 192 17.67 6.60 1.77
N LYS A 193 17.00 6.19 0.71
CA LYS A 193 17.63 5.51 -0.39
C LYS A 193 18.46 6.39 -1.33
N THR A 194 18.09 7.66 -1.48
CA THR A 194 18.79 8.53 -2.41
C THR A 194 19.42 9.77 -1.84
N ALA A 195 18.83 10.32 -0.79
CA ALA A 195 19.32 11.58 -0.29
C ALA A 195 20.19 11.59 0.95
N SER A 196 20.06 10.57 1.78
CA SER A 196 20.81 10.48 3.03
C SER A 196 22.32 10.48 2.80
N LEU A 197 22.76 9.83 1.73
CA LEU A 197 24.18 9.77 1.46
C LEU A 197 24.75 11.13 1.13
N ILE A 198 24.06 11.88 0.28
CA ILE A 198 24.50 13.23 -0.04
C ILE A 198 24.36 14.21 1.15
N SER A 199 23.26 14.14 1.90
CA SER A 199 23.15 15.07 2.99
C SER A 199 24.22 14.79 4.03
N ASN A 200 24.22 13.61 4.64
CA ASN A 200 25.20 13.30 5.66
C ASN A 200 26.64 13.60 5.26
N SER A 201 26.92 13.52 3.97
CA SER A 201 28.24 13.80 3.45
C SER A 201 28.47 15.29 3.51
N CYS A 202 27.46 16.06 3.11
CA CYS A 202 27.55 17.49 3.19
C CYS A 202 27.77 17.97 4.63
N LYS A 203 27.11 17.32 5.60
CA LYS A 203 27.30 17.68 6.99
C LYS A 203 28.75 17.37 7.35
N ALA A 204 29.23 16.19 6.94
CA ALA A 204 30.61 15.80 7.21
C ALA A 204 31.63 16.74 6.62
N VAL A 205 31.30 17.43 5.55
CA VAL A 205 32.27 18.34 4.98
C VAL A 205 32.26 19.60 5.82
N ALA A 206 31.13 19.84 6.48
CA ALA A 206 30.97 21.00 7.34
C ALA A 206 31.69 20.77 8.66
N VAL A 207 31.34 19.65 9.31
CA VAL A 207 31.92 19.23 10.58
C VAL A 207 33.44 19.14 10.57
N LEU A 208 33.98 18.75 9.43
CA LEU A 208 35.42 18.58 9.24
C LEU A 208 36.09 19.89 8.90
N THR A 209 35.30 20.95 8.84
CA THR A 209 35.82 22.25 8.52
C THR A 209 35.58 23.12 9.74
N GLY A 210 35.11 22.46 10.81
CA GLY A 210 34.85 23.13 12.06
C GLY A 210 33.87 24.27 12.00
N GLN A 211 32.76 24.04 11.33
CA GLN A 211 31.69 25.04 11.20
C GLN A 211 30.77 24.89 12.40
N THR A 212 29.90 25.87 12.61
CA THR A 212 28.94 25.82 13.71
C THR A 212 28.09 24.58 13.59
N ALA A 213 27.42 24.20 14.66
CA ALA A 213 26.52 23.07 14.60
C ALA A 213 25.32 23.51 13.75
N GLU A 214 25.10 24.82 13.69
CA GLU A 214 23.98 25.35 12.91
C GLU A 214 24.34 25.41 11.42
N VAL A 215 25.56 25.80 11.10
CA VAL A 215 25.92 25.85 9.68
C VAL A 215 25.92 24.43 9.14
N ALA A 216 26.26 23.49 10.00
CA ALA A 216 26.29 22.09 9.62
C ALA A 216 24.90 21.57 9.28
N VAL A 217 23.84 21.99 9.95
CA VAL A 217 22.59 21.43 9.54
C VAL A 217 22.19 22.06 8.23
N LEU A 218 22.82 23.18 7.89
CA LEU A 218 22.50 23.85 6.64
C LEU A 218 23.16 23.14 5.48
N ALA A 219 24.34 22.61 5.69
CA ALA A 219 24.99 21.92 4.60
C ALA A 219 24.09 20.73 4.33
N PHE A 220 23.75 20.02 5.40
CA PHE A 220 22.90 18.86 5.37
C PHE A 220 21.66 19.15 4.59
N GLU A 221 20.99 20.25 4.94
CA GLU A 221 19.74 20.66 4.31
C GLU A 221 19.85 20.84 2.83
N TYR A 222 20.96 21.40 2.40
CA TYR A 222 21.17 21.60 0.99
C TYR A 222 21.21 20.24 0.32
N GLY A 223 21.97 19.34 0.91
CA GLY A 223 22.13 18.02 0.35
C GLY A 223 20.89 17.18 0.36
N ARG A 224 20.10 17.28 1.42
CA ARG A 224 18.87 16.51 1.52
C ARG A 224 17.90 16.98 0.44
N ASN A 225 17.68 18.29 0.37
CA ASN A 225 16.74 18.81 -0.58
C ASN A 225 17.19 18.69 -2.03
N LEU A 226 18.45 18.93 -2.32
CA LEU A 226 18.89 18.79 -3.69
C LEU A 226 18.79 17.33 -4.02
N GLY A 227 19.07 16.48 -3.05
CA GLY A 227 18.99 15.07 -3.31
C GLY A 227 17.58 14.63 -3.68
N LEU A 228 16.58 15.04 -2.89
CA LEU A 228 15.21 14.68 -3.19
C LEU A 228 14.78 15.19 -4.54
N ALA A 229 15.14 16.43 -4.84
CA ALA A 229 14.79 17.05 -6.11
C ALA A 229 15.40 16.27 -7.28
N PHE A 230 16.66 15.90 -7.14
CA PHE A 230 17.33 15.15 -8.16
C PHE A 230 16.56 13.85 -8.45
N GLN A 231 16.12 13.16 -7.40
CA GLN A 231 15.40 11.91 -7.53
C GLN A 231 14.03 12.11 -8.15
N LEU A 232 13.36 13.18 -7.76
CA LEU A 232 12.06 13.44 -8.35
C LEU A 232 12.22 13.77 -9.84
N ILE A 233 13.27 14.47 -10.23
CA ILE A 233 13.44 14.79 -11.65
C ILE A 233 13.78 13.53 -12.42
N ASP A 234 14.52 12.61 -11.81
CA ASP A 234 14.89 11.35 -12.44
C ASP A 234 13.62 10.60 -12.79
N ASP A 235 12.78 10.38 -11.78
CA ASP A 235 11.49 9.72 -11.93
C ASP A 235 10.75 10.35 -13.10
N ILE A 236 10.75 11.65 -13.16
CA ILE A 236 10.08 12.25 -14.28
C ILE A 236 10.70 11.88 -15.62
N LEU A 237 12.01 12.11 -15.78
CA LEU A 237 12.69 11.83 -17.03
C LEU A 237 12.58 10.39 -17.49
N ASP A 238 12.28 9.48 -16.58
CA ASP A 238 12.16 8.09 -16.95
C ASP A 238 10.92 7.89 -17.80
N PHE A 239 9.98 8.82 -17.69
CA PHE A 239 8.75 8.77 -18.45
C PHE A 239 8.84 9.65 -19.67
N THR A 240 9.47 10.82 -19.52
CA THR A 240 9.52 11.77 -20.63
C THR A 240 10.76 11.81 -21.49
N GLY A 241 11.85 11.26 -20.98
CA GLY A 241 13.09 11.27 -21.73
C GLY A 241 13.58 12.69 -22.05
N THR A 242 14.64 12.75 -22.82
CA THR A 242 15.20 14.03 -23.22
C THR A 242 14.17 14.79 -24.05
N SER A 243 13.34 14.03 -24.76
CA SER A 243 12.32 14.59 -25.65
C SER A 243 11.22 15.42 -24.97
N ALA A 244 11.18 15.38 -23.64
CA ALA A 244 10.17 16.10 -22.88
C ALA A 244 8.82 15.66 -23.34
N SER A 245 8.72 14.41 -23.76
CA SER A 245 7.43 13.88 -24.21
C SER A 245 7.04 12.61 -23.46
N LEU A 246 5.83 12.61 -22.89
CA LEU A 246 5.36 11.45 -22.12
C LEU A 246 5.33 10.16 -22.96
N GLY A 247 6.14 9.18 -22.60
CA GLY A 247 6.16 7.95 -23.35
C GLY A 247 7.46 7.73 -24.05
N LYS A 248 8.12 8.79 -24.51
CA LYS A 248 9.38 8.61 -25.19
C LYS A 248 10.55 8.37 -24.23
N GLY A 249 10.22 8.22 -22.93
CA GLY A 249 11.24 7.95 -21.93
C GLY A 249 11.66 6.50 -21.99
N SER A 250 12.63 6.11 -21.18
CA SER A 250 13.05 4.72 -21.26
C SER A 250 12.05 3.82 -20.55
N LEU A 251 11.33 4.38 -19.59
CA LEU A 251 10.26 3.67 -18.89
C LEU A 251 10.67 2.47 -18.09
N SER A 252 11.93 2.41 -17.68
CA SER A 252 12.35 1.26 -16.91
C SER A 252 11.72 1.13 -15.53
N ASP A 253 11.35 2.22 -14.88
CA ASP A 253 10.72 2.08 -13.59
C ASP A 253 9.39 1.41 -13.75
N ILE A 254 8.48 2.02 -14.50
CA ILE A 254 7.18 1.40 -14.63
C ILE A 254 7.24 0.01 -15.26
N ARG A 255 8.11 -0.20 -16.24
CA ARG A 255 8.22 -1.53 -16.82
C ARG A 255 8.56 -2.61 -15.77
N HIS A 256 9.28 -2.24 -14.71
CA HIS A 256 9.64 -3.22 -13.68
C HIS A 256 8.89 -3.14 -12.36
N GLY A 257 7.69 -2.59 -12.38
CA GLY A 257 6.93 -2.53 -11.14
C GLY A 257 7.45 -1.56 -10.10
N VAL A 258 8.23 -0.58 -10.53
CA VAL A 258 8.71 0.41 -9.60
C VAL A 258 7.82 1.63 -9.76
N ILE A 259 6.94 1.82 -8.78
CA ILE A 259 6.01 2.92 -8.75
C ILE A 259 6.62 4.18 -8.20
N THR A 260 6.59 5.24 -9.00
CA THR A 260 7.19 6.49 -8.62
C THR A 260 6.25 7.68 -8.55
N ALA A 261 6.78 8.81 -8.11
CA ALA A 261 6.01 10.03 -7.92
C ALA A 261 4.96 10.36 -8.95
N PRO A 262 5.34 10.44 -10.24
CA PRO A 262 4.29 10.77 -11.20
C PRO A 262 3.08 9.83 -11.16
N ILE A 263 3.31 8.52 -11.06
CA ILE A 263 2.20 7.58 -10.99
C ILE A 263 1.46 7.74 -9.68
N LEU A 264 2.19 7.96 -8.59
CA LEU A 264 1.58 8.14 -7.28
C LEU A 264 0.64 9.32 -7.28
N PHE A 265 1.04 10.43 -7.92
CA PHE A 265 0.12 11.57 -7.96
C PHE A 265 -1.08 11.27 -8.89
N ALA A 266 -0.81 10.52 -9.96
CA ALA A 266 -1.87 10.17 -10.91
C ALA A 266 -2.87 9.27 -10.19
N MET A 267 -2.38 8.42 -9.31
CA MET A 267 -3.30 7.58 -8.61
C MET A 267 -4.27 8.42 -7.79
N GLU A 268 -3.84 9.59 -7.32
CA GLU A 268 -4.75 10.41 -6.55
C GLU A 268 -6.01 10.73 -7.36
N GLU A 269 -5.84 11.02 -8.64
CA GLU A 269 -7.00 11.35 -9.44
C GLU A 269 -7.55 10.24 -10.37
N PHE A 270 -7.08 9.01 -10.21
CA PHE A 270 -7.57 7.90 -11.03
C PHE A 270 -7.42 6.62 -10.25
N PRO A 271 -8.37 6.30 -9.36
CA PRO A 271 -8.27 5.07 -8.55
C PRO A 271 -8.24 3.77 -9.33
N GLN A 272 -8.43 3.86 -10.61
CA GLN A 272 -8.44 2.74 -11.52
C GLN A 272 -7.01 2.34 -11.85
N LEU A 273 -6.11 3.30 -11.72
CA LEU A 273 -4.71 3.13 -12.05
C LEU A 273 -4.03 2.06 -11.24
N ARG A 274 -4.32 2.05 -9.94
CA ARG A 274 -3.71 1.11 -9.01
C ARG A 274 -3.74 -0.36 -9.47
N GLU A 275 -4.89 -0.87 -9.89
CA GLU A 275 -4.90 -2.28 -10.30
C GLU A 275 -4.20 -2.53 -11.62
N VAL A 276 -4.22 -1.53 -12.48
CA VAL A 276 -3.55 -1.58 -13.77
C VAL A 276 -2.05 -1.72 -13.57
N VAL A 277 -1.54 -0.90 -12.69
CA VAL A 277 -0.12 -0.88 -12.40
C VAL A 277 0.34 -2.18 -11.73
N ASP A 278 -0.55 -2.85 -11.03
CA ASP A 278 -0.18 -4.07 -10.34
C ASP A 278 0.00 -5.21 -11.36
N GLN A 279 -0.56 -5.04 -12.55
CA GLN A 279 -0.41 -6.07 -13.55
C GLN A 279 0.51 -5.61 -14.67
N VAL A 280 1.34 -4.64 -14.34
CA VAL A 280 2.23 -4.07 -15.31
C VAL A 280 3.30 -5.01 -15.77
N GLU A 281 3.23 -6.27 -15.34
CA GLU A 281 4.24 -7.26 -15.74
C GLU A 281 3.59 -8.53 -16.32
N LYS A 282 2.27 -8.61 -16.25
CA LYS A 282 1.50 -9.74 -16.80
C LYS A 282 1.29 -9.47 -18.30
N ASP A 283 1.27 -8.19 -18.68
CA ASP A 283 1.02 -7.80 -20.06
C ASP A 283 1.52 -6.39 -20.26
N PRO A 284 2.48 -6.21 -21.16
CA PRO A 284 3.08 -4.92 -21.47
C PRO A 284 2.04 -3.86 -21.71
N ARG A 285 0.91 -4.25 -22.29
CA ARG A 285 -0.14 -3.29 -22.57
C ARG A 285 -0.67 -2.57 -21.36
N ASN A 286 -0.35 -3.06 -20.17
CA ASN A 286 -0.78 -2.37 -18.97
C ASN A 286 0.07 -1.11 -18.77
N VAL A 287 1.32 -1.17 -19.20
CA VAL A 287 2.20 -0.02 -19.14
C VAL A 287 1.57 0.97 -20.07
N ASP A 288 1.15 0.55 -21.27
CA ASP A 288 0.52 1.51 -22.20
C ASP A 288 -0.65 2.19 -21.54
N ILE A 289 -1.56 1.38 -20.99
CA ILE A 289 -2.75 1.87 -20.32
C ILE A 289 -2.39 2.83 -19.20
N ALA A 290 -1.41 2.45 -18.41
CA ALA A 290 -1.02 3.30 -17.29
C ALA A 290 -0.60 4.67 -17.78
N LEU A 291 0.16 4.72 -18.87
CA LEU A 291 0.63 6.00 -19.38
C LEU A 291 -0.50 6.87 -19.87
N GLU A 292 -1.59 6.28 -20.30
CA GLU A 292 -2.68 7.09 -20.78
C GLU A 292 -3.31 7.74 -19.56
N TYR A 293 -3.44 7.01 -18.47
CA TYR A 293 -4.00 7.65 -17.31
C TYR A 293 -3.02 8.73 -16.86
N LEU A 294 -1.71 8.43 -16.85
CA LEU A 294 -0.75 9.43 -16.44
C LEU A 294 -0.90 10.70 -17.27
N GLY A 295 -1.01 10.54 -18.60
CA GLY A 295 -1.16 11.68 -19.50
C GLY A 295 -2.42 12.51 -19.31
N LYS A 296 -3.47 11.93 -18.70
CA LYS A 296 -4.73 12.65 -18.44
C LYS A 296 -4.67 13.33 -17.06
N SER A 297 -3.70 12.94 -16.24
CA SER A 297 -3.54 13.46 -14.89
C SER A 297 -2.57 14.65 -14.86
N LYS A 298 -2.31 15.13 -13.65
CA LYS A 298 -1.37 16.22 -13.44
C LYS A 298 -0.16 15.62 -12.67
N GLY A 299 0.08 14.32 -12.85
CA GLY A 299 1.18 13.67 -12.19
C GLY A 299 2.59 14.14 -12.55
N ILE A 300 2.94 14.20 -13.82
CA ILE A 300 4.27 14.66 -14.18
C ILE A 300 4.46 16.08 -13.61
N GLN A 301 3.45 16.91 -13.82
CA GLN A 301 3.42 18.30 -13.39
C GLN A 301 3.59 18.40 -11.91
N ARG A 302 2.80 17.64 -11.17
CA ARG A 302 2.89 17.70 -9.72
C ARG A 302 4.25 17.23 -9.21
N ALA A 303 4.83 16.25 -9.87
CA ALA A 303 6.12 15.79 -9.41
C ALA A 303 7.15 16.89 -9.68
N ARG A 304 7.01 17.61 -10.78
CA ARG A 304 7.98 18.61 -11.09
C ARG A 304 7.79 19.80 -10.18
N GLU A 305 6.58 20.11 -9.79
CA GLU A 305 6.44 21.26 -8.91
C GLU A 305 7.01 20.87 -7.52
N LEU A 306 6.95 19.60 -7.17
CA LEU A 306 7.52 19.13 -5.90
C LEU A 306 9.06 19.15 -5.95
N ALA A 307 9.63 18.86 -7.11
CA ALA A 307 11.07 18.87 -7.21
C ALA A 307 11.55 20.31 -7.01
N MET A 308 10.89 21.25 -7.67
CA MET A 308 11.17 22.69 -7.60
C MET A 308 11.09 23.25 -6.18
N GLU A 309 10.11 22.80 -5.43
CA GLU A 309 9.96 23.24 -4.07
C GLU A 309 11.23 22.79 -3.35
N HIS A 310 11.64 21.55 -3.56
CA HIS A 310 12.81 21.08 -2.90
C HIS A 310 14.07 21.77 -3.36
N ALA A 311 14.27 21.96 -4.66
CA ALA A 311 15.50 22.60 -5.07
C ALA A 311 15.57 24.00 -4.46
N ASN A 312 14.40 24.58 -4.18
CA ASN A 312 14.35 25.91 -3.60
C ASN A 312 14.83 25.89 -2.15
N LEU A 313 14.35 24.93 -1.37
CA LEU A 313 14.78 24.82 0.00
C LEU A 313 16.29 24.67 0.04
N ALA A 314 16.86 24.10 -1.00
CA ALA A 314 18.31 23.93 -1.03
C ALA A 314 18.93 25.31 -1.23
N ALA A 315 18.52 25.97 -2.29
CA ALA A 315 19.00 27.29 -2.57
C ALA A 315 18.83 28.10 -1.28
N ALA A 316 17.71 27.93 -0.60
CA ALA A 316 17.50 28.70 0.58
C ALA A 316 18.56 28.42 1.62
N ALA A 317 18.94 27.16 1.78
CA ALA A 317 19.92 26.87 2.79
C ALA A 317 21.24 27.57 2.46
N ILE A 318 21.62 27.62 1.21
CA ILE A 318 22.86 28.31 0.89
C ILE A 318 22.71 29.77 1.28
N GLY A 319 21.52 30.33 1.06
CA GLY A 319 21.25 31.73 1.39
C GLY A 319 21.19 32.07 2.87
N SER A 320 21.28 31.04 3.71
CA SER A 320 21.25 31.20 5.15
C SER A 320 22.65 31.10 5.76
N LEU A 321 23.66 30.92 4.92
CA LEU A 321 25.04 30.82 5.39
C LEU A 321 25.61 32.14 5.89
N PRO A 322 26.49 32.08 6.91
CA PRO A 322 27.12 33.28 7.46
C PRO A 322 27.58 34.12 6.30
N GLU A 323 27.47 35.45 6.43
CA GLU A 323 27.94 36.37 5.37
C GLU A 323 29.45 36.14 5.24
N THR A 324 30.06 36.57 4.16
CA THR A 324 31.48 36.35 4.01
C THR A 324 32.03 37.39 3.06
N ASP A 325 33.31 37.74 3.17
CA ASP A 325 33.85 38.70 2.22
C ASP A 325 34.78 38.06 1.23
N ASN A 326 34.87 36.73 1.31
CA ASN A 326 35.74 35.96 0.42
C ASN A 326 35.10 35.80 -0.94
N GLU A 327 35.63 36.46 -1.96
CA GLU A 327 35.05 36.33 -3.30
C GLU A 327 35.02 34.92 -3.84
N ASP A 328 35.81 34.02 -3.24
CA ASP A 328 35.83 32.64 -3.70
C ASP A 328 34.80 31.82 -2.99
N VAL A 329 34.47 32.20 -1.77
CA VAL A 329 33.43 31.50 -1.06
C VAL A 329 32.12 31.88 -1.75
N LYS A 330 31.92 33.18 -1.96
CA LYS A 330 30.73 33.66 -2.63
C LYS A 330 30.49 32.84 -3.90
N ARG A 331 31.52 32.76 -4.74
CA ARG A 331 31.46 32.07 -6.02
C ARG A 331 31.06 30.58 -5.85
N SER A 332 31.53 29.93 -4.80
CA SER A 332 31.17 28.55 -4.58
C SER A 332 29.70 28.54 -4.33
N ARG A 333 29.28 29.29 -3.32
CA ARG A 333 27.88 29.39 -2.94
C ARG A 333 26.96 29.65 -4.13
N ARG A 334 27.45 30.43 -5.09
CA ARG A 334 26.66 30.76 -6.27
C ARG A 334 26.53 29.49 -7.12
N ALA A 335 27.61 28.73 -7.16
CA ALA A 335 27.68 27.47 -7.89
C ALA A 335 26.72 26.46 -7.25
N LEU A 336 26.63 26.44 -5.92
CA LEU A 336 25.71 25.52 -5.29
C LEU A 336 24.28 25.89 -5.66
N ILE A 337 23.99 27.19 -5.73
CA ILE A 337 22.64 27.63 -6.09
C ILE A 337 22.34 27.31 -7.54
N ASP A 338 23.27 27.59 -8.42
CA ASP A 338 23.00 27.28 -9.81
C ASP A 338 22.79 25.78 -10.03
N LEU A 339 23.45 24.95 -9.23
CA LEU A 339 23.33 23.52 -9.32
C LEU A 339 21.87 23.13 -9.09
N THR A 340 21.20 23.81 -8.16
CA THR A 340 19.80 23.50 -7.85
C THR A 340 18.91 23.78 -9.06
N HIS A 341 19.30 24.77 -9.86
CA HIS A 341 18.53 25.13 -11.03
C HIS A 341 18.78 24.06 -12.09
N ARG A 342 20.02 23.58 -12.21
CA ARG A 342 20.36 22.55 -13.20
C ARG A 342 19.76 21.15 -12.97
N VAL A 343 19.57 20.80 -11.71
CA VAL A 343 18.98 19.55 -11.42
C VAL A 343 17.55 19.62 -11.97
N ILE A 344 16.95 20.80 -11.92
CA ILE A 344 15.60 20.90 -12.40
C ILE A 344 15.45 20.91 -13.92
N THR A 345 16.35 21.59 -14.62
CA THR A 345 16.24 21.67 -16.08
C THR A 345 16.91 20.59 -16.93
N ARG A 346 17.61 19.64 -16.32
CA ARG A 346 18.27 18.56 -17.05
C ARG A 346 17.31 17.67 -17.83
N ASN A 347 17.78 17.13 -18.94
CA ASN A 347 16.95 16.25 -19.73
C ASN A 347 17.68 14.93 -19.86
N LYS A 348 18.74 14.78 -19.07
CA LYS A 348 19.58 13.58 -19.03
C LYS A 348 20.03 13.25 -17.60
N ASP B 9 -27.71 6.04 15.36
CA ASP B 9 -26.64 5.41 14.50
C ASP B 9 -26.42 3.95 14.92
N PRO B 10 -26.80 2.99 14.08
CA PRO B 10 -26.63 1.57 14.43
C PRO B 10 -25.42 1.19 15.23
N PHE B 11 -24.25 1.64 14.78
CA PHE B 11 -23.00 1.33 15.43
C PHE B 11 -22.85 1.93 16.82
N SER B 12 -22.67 3.24 16.91
CA SER B 12 -22.51 3.88 18.22
C SER B 12 -23.52 3.38 19.25
N LEU B 13 -24.57 2.72 18.80
CA LEU B 13 -25.57 2.20 19.70
C LEU B 13 -25.03 1.03 20.52
N VAL B 14 -24.05 0.32 19.97
CA VAL B 14 -23.45 -0.84 20.64
C VAL B 14 -21.93 -0.70 20.67
N ALA B 15 -21.44 0.53 20.62
CA ALA B 15 -20.00 0.80 20.64
C ALA B 15 -19.30 0.35 21.93
N ASP B 16 -20.07 0.16 22.99
CA ASP B 16 -19.50 -0.33 24.24
C ASP B 16 -19.29 -1.83 24.10
N GLU B 17 -20.39 -2.57 23.95
CA GLU B 17 -20.33 -4.01 23.79
C GLU B 17 -19.24 -4.38 22.80
N LEU B 18 -18.93 -3.46 21.88
CA LEU B 18 -17.92 -3.75 20.87
C LEU B 18 -16.49 -3.57 21.36
N SER B 19 -16.25 -2.57 22.18
CA SER B 19 -14.91 -2.35 22.72
C SER B 19 -14.57 -3.50 23.66
N LEU B 20 -15.60 -4.19 24.12
CA LEU B 20 -15.43 -5.34 24.98
C LEU B 20 -14.78 -6.45 24.14
N LEU B 21 -15.30 -6.67 22.93
CA LEU B 21 -14.78 -7.70 22.01
C LEU B 21 -13.39 -7.32 21.50
N SER B 22 -13.20 -6.04 21.17
CA SER B 22 -11.91 -5.56 20.66
C SER B 22 -10.82 -5.79 21.70
N ASN B 23 -11.12 -5.49 22.95
CA ASN B 23 -10.15 -5.69 24.02
C ASN B 23 -9.97 -7.18 24.26
N LYS B 24 -11.07 -7.90 24.50
CA LYS B 24 -10.98 -9.34 24.74
C LYS B 24 -10.23 -10.02 23.59
N LEU B 25 -9.92 -9.27 22.55
CA LEU B 25 -9.16 -9.85 21.45
C LEU B 25 -7.70 -9.77 21.87
N ARG B 26 -7.47 -9.26 23.07
CA ARG B 26 -6.12 -9.14 23.62
C ARG B 26 -5.67 -10.53 24.10
N GLU B 27 -6.49 -11.56 23.84
CA GLU B 27 -6.14 -12.93 24.21
C GLU B 27 -4.80 -13.09 23.51
N MET B 28 -4.58 -12.20 22.55
CA MET B 28 -3.34 -12.13 21.79
C MET B 28 -2.31 -11.45 22.67
N VAL B 29 -1.85 -12.19 23.68
CA VAL B 29 -0.83 -11.74 24.61
C VAL B 29 -0.08 -13.00 25.04
N LEU B 30 0.69 -13.54 24.09
CA LEU B 30 1.49 -14.73 24.30
C LEU B 30 2.91 -14.36 23.86
N ALA B 31 3.83 -14.32 24.83
CA ALA B 31 5.23 -13.97 24.60
C ALA B 31 5.98 -15.06 23.84
N GLU B 32 7.27 -14.84 23.58
CA GLU B 32 8.07 -15.81 22.86
C GLU B 32 9.35 -16.31 23.53
N VAL B 33 9.95 -17.34 22.95
CA VAL B 33 11.17 -17.94 23.48
C VAL B 33 12.15 -18.36 22.36
N PRO B 34 13.45 -18.44 22.68
CA PRO B 34 14.04 -18.17 24.00
C PRO B 34 13.92 -16.70 24.42
N GLY B 47 -9.49 -6.68 7.57
CA GLY B 47 -10.95 -6.66 7.28
C GLY B 47 -11.75 -6.23 8.50
N VAL B 48 -11.58 -4.96 8.89
CA VAL B 48 -12.27 -4.38 10.05
C VAL B 48 -13.69 -3.95 9.73
N GLN B 49 -13.93 -3.52 8.49
CA GLN B 49 -15.27 -3.12 8.09
C GLN B 49 -16.10 -4.36 8.39
N GLY B 50 -15.54 -5.51 8.00
CA GLY B 50 -16.16 -6.82 8.17
C GLY B 50 -16.44 -7.27 9.58
N LYS B 51 -15.55 -6.98 10.53
CA LYS B 51 -15.78 -7.39 11.92
C LYS B 51 -16.84 -6.47 12.50
N GLN B 52 -16.72 -5.17 12.21
CA GLN B 52 -17.65 -4.19 12.71
C GLN B 52 -19.06 -4.46 12.18
N PHE B 53 -19.14 -4.76 10.91
CA PHE B 53 -20.44 -5.05 10.34
C PHE B 53 -20.99 -6.36 10.96
N ARG B 54 -20.28 -7.47 10.80
CA ARG B 54 -20.76 -8.74 11.32
C ARG B 54 -21.10 -8.63 12.78
N SER B 55 -20.17 -8.07 13.54
CA SER B 55 -20.39 -7.97 14.96
C SER B 55 -21.58 -7.10 15.35
N THR B 56 -21.68 -5.93 14.73
CA THR B 56 -22.77 -5.01 15.02
C THR B 56 -24.12 -5.65 14.79
N ILE B 57 -24.25 -6.44 13.73
CA ILE B 57 -25.50 -7.13 13.45
C ILE B 57 -25.79 -8.02 14.62
N LEU B 58 -24.87 -8.94 14.95
CA LEU B 58 -25.07 -9.89 16.05
C LEU B 58 -25.38 -9.24 17.40
N LEU B 59 -24.58 -8.29 17.85
CA LEU B 59 -24.93 -7.62 19.11
C LEU B 59 -26.34 -6.98 19.01
N LEU B 60 -26.58 -6.17 17.98
CA LEU B 60 -27.89 -5.58 17.79
C LEU B 60 -28.97 -6.65 17.77
N MET B 61 -28.79 -7.70 16.99
CA MET B 61 -29.81 -8.73 16.94
C MET B 61 -30.03 -9.28 18.33
N ALA B 62 -28.94 -9.44 19.08
CA ALA B 62 -29.10 -9.96 20.43
C ALA B 62 -30.02 -9.07 21.28
N THR B 63 -29.89 -7.75 21.17
CA THR B 63 -30.73 -6.85 21.93
C THR B 63 -32.10 -6.69 21.31
N ALA B 64 -32.31 -7.31 20.16
CA ALA B 64 -33.56 -7.15 19.44
C ALA B 64 -34.60 -8.15 19.76
N LEU B 65 -34.25 -9.14 20.58
CA LEU B 65 -35.23 -10.14 20.93
C LEU B 65 -35.49 -10.10 22.45
N ASP B 66 -36.75 -10.25 22.86
CA ASP B 66 -37.05 -10.21 24.29
C ASP B 66 -36.55 -11.53 24.86
N VAL B 67 -35.81 -11.45 25.95
CA VAL B 67 -35.29 -12.67 26.60
C VAL B 67 -36.41 -13.46 27.28
N THR B 82 -29.05 -11.99 33.40
CA THR B 82 -29.24 -11.17 32.17
C THR B 82 -27.90 -10.71 31.56
N SER B 83 -26.89 -10.52 32.40
CA SER B 83 -25.56 -10.14 31.92
C SER B 83 -24.87 -11.45 31.68
N GLU B 84 -25.58 -12.52 32.01
CA GLU B 84 -25.10 -13.88 31.85
C GLU B 84 -25.50 -14.39 30.46
N LEU B 85 -26.49 -13.75 29.87
CA LEU B 85 -26.91 -14.11 28.52
C LEU B 85 -26.10 -13.18 27.63
N ARG B 86 -26.01 -11.91 28.03
CA ARG B 86 -25.25 -10.91 27.30
C ARG B 86 -23.84 -11.43 26.99
N VAL B 87 -23.29 -12.19 27.91
CA VAL B 87 -21.96 -12.71 27.71
C VAL B 87 -22.01 -13.91 26.76
N ARG B 88 -23.05 -14.73 26.84
CA ARG B 88 -23.17 -15.88 25.95
C ARG B 88 -23.45 -15.39 24.51
N GLN B 89 -24.31 -14.38 24.39
CA GLN B 89 -24.66 -13.77 23.10
C GLN B 89 -23.38 -13.18 22.51
N ARG B 90 -22.60 -12.48 23.33
CA ARG B 90 -21.31 -11.94 22.86
C ARG B 90 -20.39 -13.11 22.46
N GLY B 91 -20.68 -14.29 22.99
CA GLY B 91 -19.87 -15.44 22.66
C GLY B 91 -20.05 -15.69 21.20
N ILE B 92 -21.30 -15.71 20.76
CA ILE B 92 -21.52 -15.94 19.35
C ILE B 92 -20.77 -14.93 18.50
N ALA B 93 -20.59 -13.72 18.98
CA ALA B 93 -19.88 -12.75 18.16
C ALA B 93 -18.40 -13.10 18.03
N GLU B 94 -17.83 -13.77 19.04
CA GLU B 94 -16.40 -14.17 18.98
C GLU B 94 -16.29 -15.42 18.14
N ILE B 95 -17.09 -16.44 18.43
CA ILE B 95 -17.00 -17.66 17.65
C ILE B 95 -17.05 -17.36 16.15
N THR B 96 -17.93 -16.42 15.77
CA THR B 96 -18.09 -16.08 14.37
C THR B 96 -16.77 -15.56 13.81
N GLU B 97 -16.14 -14.62 14.50
CA GLU B 97 -14.89 -14.12 14.00
C GLU B 97 -13.86 -15.22 13.88
N MET B 98 -13.79 -16.09 14.88
CA MET B 98 -12.85 -17.21 14.86
C MET B 98 -13.12 -18.02 13.63
N ILE B 99 -14.33 -18.54 13.47
CA ILE B 99 -14.58 -19.33 12.27
C ILE B 99 -14.20 -18.56 11.01
N HIS B 100 -14.44 -17.25 11.01
CA HIS B 100 -14.09 -16.46 9.84
C HIS B 100 -12.59 -16.49 9.60
N VAL B 101 -11.81 -16.07 10.59
CA VAL B 101 -10.37 -16.07 10.45
C VAL B 101 -9.89 -17.45 10.06
N ALA B 102 -10.54 -18.48 10.55
CA ALA B 102 -10.08 -19.80 10.14
C ALA B 102 -10.36 -20.07 8.68
N SER B 103 -11.37 -19.42 8.13
CA SER B 103 -11.72 -19.67 6.74
C SER B 103 -10.78 -18.95 5.78
N LEU B 104 -10.31 -17.78 6.20
CA LEU B 104 -9.36 -17.01 5.40
C LEU B 104 -8.03 -17.76 5.36
N LEU B 105 -7.62 -18.27 6.51
CA LEU B 105 -6.39 -19.04 6.58
C LEU B 105 -6.51 -20.24 5.65
N HIS B 106 -7.53 -21.07 5.80
CA HIS B 106 -7.60 -22.19 4.89
C HIS B 106 -7.74 -21.75 3.43
N ASP B 107 -8.20 -20.53 3.21
CA ASP B 107 -8.39 -20.03 1.86
C ASP B 107 -7.02 -19.82 1.18
N ASP B 108 -6.04 -19.31 1.92
CA ASP B 108 -4.71 -19.11 1.35
C ASP B 108 -4.07 -20.38 0.84
N VAL B 109 -4.11 -21.44 1.63
CA VAL B 109 -3.53 -22.70 1.21
C VAL B 109 -3.90 -22.91 -0.25
N LEU B 110 -5.17 -22.61 -0.52
CA LEU B 110 -5.77 -22.73 -1.85
C LEU B 110 -5.38 -21.57 -2.78
N MET B 126 5.21 -16.25 4.64
CA MET B 126 4.53 -17.47 4.11
C MET B 126 4.07 -18.38 5.26
N GLY B 127 3.24 -19.38 4.92
CA GLY B 127 2.78 -20.35 5.89
C GLY B 127 2.33 -21.74 5.43
N ASN B 128 1.51 -21.85 4.40
CA ASN B 128 0.90 -23.11 3.91
C ASN B 128 0.71 -24.20 4.96
N LYS B 129 1.83 -24.81 5.34
CA LYS B 129 1.87 -25.87 6.34
C LYS B 129 1.24 -25.41 7.68
N MET B 130 1.66 -24.26 8.19
CA MET B 130 1.09 -23.76 9.43
C MET B 130 -0.28 -23.13 9.24
N SER B 131 -0.57 -22.68 8.01
CA SER B 131 -1.88 -22.10 7.72
C SER B 131 -3.01 -23.07 8.04
N VAL B 132 -2.92 -24.28 7.51
CA VAL B 132 -3.91 -25.29 7.78
C VAL B 132 -4.02 -25.62 9.26
N LEU B 133 -2.89 -25.60 9.96
CA LEU B 133 -2.92 -25.91 11.39
C LEU B 133 -3.57 -24.79 12.20
N ALA B 134 -3.10 -23.56 11.98
CA ALA B 134 -3.67 -22.40 12.67
C ALA B 134 -5.18 -22.43 12.45
N GLY B 135 -5.57 -22.73 11.22
CA GLY B 135 -6.98 -22.83 10.87
C GLY B 135 -7.68 -23.91 11.67
N ASP B 136 -7.10 -25.11 11.71
CA ASP B 136 -7.70 -26.23 12.45
C ASP B 136 -7.76 -25.91 13.92
N PHE B 137 -6.72 -25.24 14.43
CA PHE B 137 -6.73 -24.88 15.83
C PHE B 137 -7.95 -24.00 16.05
N LEU B 138 -8.03 -22.88 15.32
CA LEU B 138 -9.17 -21.96 15.43
C LEU B 138 -10.54 -22.64 15.38
N LEU B 139 -10.75 -23.52 14.39
CA LEU B 139 -12.00 -24.25 14.33
C LEU B 139 -12.28 -24.97 15.65
N SER B 140 -11.28 -25.71 16.17
CA SER B 140 -11.45 -26.46 17.41
C SER B 140 -11.77 -25.57 18.60
N ARG B 141 -10.99 -24.51 18.81
CA ARG B 141 -11.29 -23.64 19.94
C ARG B 141 -12.71 -23.14 19.77
N ALA B 142 -13.05 -22.76 18.54
CA ALA B 142 -14.38 -22.27 18.25
C ALA B 142 -15.45 -23.28 18.66
N CYS B 143 -15.23 -24.54 18.31
CA CYS B 143 -16.19 -25.59 18.62
C CYS B 143 -16.32 -25.80 20.13
N GLY B 144 -15.22 -25.65 20.82
CA GLY B 144 -15.25 -25.81 22.26
C GLY B 144 -16.06 -24.69 22.85
N ALA B 145 -15.72 -23.46 22.49
CA ALA B 145 -16.43 -22.28 23.01
C ALA B 145 -17.90 -22.43 22.70
N LEU B 146 -18.19 -23.13 21.63
CA LEU B 146 -19.57 -23.34 21.26
C LEU B 146 -20.18 -24.28 22.25
N ALA B 147 -19.50 -25.41 22.50
CA ALA B 147 -19.99 -26.41 23.44
C ALA B 147 -20.28 -25.78 24.79
N ALA B 148 -19.39 -24.89 25.22
CA ALA B 148 -19.54 -24.21 26.50
C ALA B 148 -20.78 -23.37 26.59
N LEU B 149 -21.54 -23.28 25.51
CA LEU B 149 -22.75 -22.46 25.55
C LEU B 149 -23.93 -23.28 26.01
N LYS B 150 -23.73 -24.58 26.12
CA LYS B 150 -24.76 -25.52 26.58
C LYS B 150 -25.95 -25.64 25.65
N ASN B 151 -25.75 -25.34 24.37
CA ASN B 151 -26.86 -25.50 23.45
C ASN B 151 -26.53 -26.30 22.22
N THR B 152 -27.04 -27.52 22.17
CA THR B 152 -26.79 -28.40 21.03
C THR B 152 -27.23 -27.79 19.68
N GLU B 153 -28.32 -27.02 19.66
CA GLU B 153 -28.75 -26.45 18.39
C GLU B 153 -27.74 -25.40 17.87
N VAL B 154 -27.30 -24.52 18.75
CA VAL B 154 -26.32 -23.49 18.40
C VAL B 154 -25.10 -24.18 17.76
N VAL B 155 -24.71 -25.30 18.34
CA VAL B 155 -23.57 -26.00 17.80
C VAL B 155 -23.91 -26.47 16.40
N ALA B 156 -25.05 -27.11 16.18
CA ALA B 156 -25.32 -27.57 14.82
C ALA B 156 -25.41 -26.40 13.81
N LEU B 157 -25.86 -25.24 14.27
CA LEU B 157 -25.97 -24.12 13.36
C LEU B 157 -24.62 -23.69 12.82
N LEU B 158 -23.64 -23.49 13.68
CA LEU B 158 -22.37 -23.05 13.17
C LEU B 158 -21.64 -24.15 12.43
N ALA B 159 -21.96 -25.40 12.76
CA ALA B 159 -21.35 -26.50 12.03
C ALA B 159 -21.91 -26.42 10.59
N THR B 160 -23.20 -26.08 10.46
CA THR B 160 -23.83 -25.93 9.15
C THR B 160 -23.22 -24.74 8.45
N ALA B 161 -22.76 -23.77 9.23
CA ALA B 161 -22.13 -22.59 8.69
C ALA B 161 -20.87 -23.07 7.97
N VAL B 162 -19.98 -23.68 8.73
CA VAL B 162 -18.74 -24.15 8.18
C VAL B 162 -18.94 -24.98 6.92
N GLU B 163 -19.92 -25.87 6.92
CA GLU B 163 -20.13 -26.70 5.75
C GLU B 163 -20.51 -25.91 4.50
N HIS B 164 -21.39 -24.92 4.66
CA HIS B 164 -21.80 -24.10 3.56
C HIS B 164 -20.57 -23.32 3.06
N LEU B 165 -19.77 -22.86 4.00
CA LEU B 165 -18.58 -22.11 3.67
C LEU B 165 -17.71 -22.99 2.78
N VAL B 166 -17.64 -24.28 3.09
CA VAL B 166 -16.81 -25.21 2.32
C VAL B 166 -17.45 -25.42 0.97
N THR B 167 -18.75 -25.61 0.98
CA THR B 167 -19.53 -25.78 -0.24
C THR B 167 -19.30 -24.61 -1.23
N GLY B 168 -19.35 -23.39 -0.72
CA GLY B 168 -19.16 -22.22 -1.56
C GLY B 168 -17.78 -22.16 -2.18
N GLU B 169 -16.80 -22.56 -1.39
CA GLU B 169 -15.42 -22.56 -1.85
C GLU B 169 -15.29 -23.60 -2.92
N THR B 170 -16.06 -24.65 -2.81
CA THR B 170 -16.00 -25.71 -3.78
C THR B 170 -16.68 -25.27 -5.06
N MET B 171 -17.71 -24.44 -4.92
CA MET B 171 -18.41 -23.93 -6.08
C MET B 171 -17.47 -23.03 -6.85
N GLU B 172 -16.66 -22.28 -6.13
CA GLU B 172 -15.73 -21.37 -6.77
C GLU B 172 -14.76 -22.17 -7.61
N ILE B 173 -13.95 -22.94 -6.90
CA ILE B 173 -12.91 -23.79 -7.46
C ILE B 173 -13.38 -24.77 -8.52
N THR B 174 -14.67 -25.03 -8.54
CA THR B 174 -15.19 -26.02 -9.45
C THR B 174 -16.07 -25.51 -10.57
N SER B 175 -16.31 -24.22 -10.57
CA SER B 175 -17.23 -23.69 -11.57
C SER B 175 -16.73 -23.81 -13.01
N SER B 176 -17.68 -24.16 -13.89
CA SER B 176 -17.46 -24.26 -15.32
C SER B 176 -17.59 -22.81 -15.84
N THR B 177 -17.39 -22.57 -17.12
CA THR B 177 -17.54 -21.21 -17.59
C THR B 177 -19.01 -20.83 -17.70
N GLU B 178 -19.83 -21.74 -18.19
CA GLU B 178 -21.24 -21.43 -18.31
C GLU B 178 -21.80 -21.11 -16.93
N GLN B 179 -21.28 -21.76 -15.90
CA GLN B 179 -21.76 -21.49 -14.54
C GLN B 179 -21.29 -20.13 -14.12
N ARG B 180 -20.03 -19.80 -14.42
CA ARG B 180 -19.49 -18.51 -14.02
C ARG B 180 -20.26 -17.36 -14.62
N TYR B 181 -20.97 -17.63 -15.70
CA TYR B 181 -21.75 -16.57 -16.31
C TYR B 181 -23.20 -16.65 -15.88
N SER B 182 -23.50 -17.53 -14.94
CA SER B 182 -24.89 -17.65 -14.49
C SER B 182 -25.16 -16.90 -13.20
N MET B 183 -26.18 -16.04 -13.25
CA MET B 183 -26.55 -15.23 -12.12
C MET B 183 -27.10 -16.07 -11.00
N ASP B 184 -27.72 -17.19 -11.33
CA ASP B 184 -28.27 -18.06 -10.28
C ASP B 184 -27.13 -18.79 -9.55
N TYR B 185 -26.15 -19.27 -10.29
CA TYR B 185 -25.01 -19.93 -9.65
C TYR B 185 -24.26 -18.94 -8.76
N TYR B 186 -24.14 -17.72 -9.29
CA TYR B 186 -23.45 -16.62 -8.66
C TYR B 186 -24.08 -16.33 -7.33
N MET B 187 -25.39 -16.20 -7.35
CA MET B 187 -26.13 -15.90 -6.14
C MET B 187 -26.04 -17.02 -5.12
N GLN B 188 -26.10 -18.27 -5.58
CA GLN B 188 -25.98 -19.41 -4.70
C GLN B 188 -24.57 -19.48 -4.13
N LYS B 189 -23.58 -19.28 -4.99
CA LYS B 189 -22.18 -19.28 -4.56
C LYS B 189 -22.02 -18.16 -3.53
N THR B 190 -22.54 -16.99 -3.87
CA THR B 190 -22.44 -15.82 -3.00
C THR B 190 -23.08 -16.09 -1.65
N TYR B 191 -24.14 -16.89 -1.62
CA TYR B 191 -24.76 -17.15 -0.32
C TYR B 191 -23.84 -17.98 0.57
N TYR B 192 -23.49 -19.18 0.11
CA TYR B 192 -22.63 -20.09 0.84
C TYR B 192 -21.33 -19.48 1.26
N LYS B 193 -20.65 -18.88 0.30
CA LYS B 193 -19.34 -18.31 0.55
C LYS B 193 -19.32 -17.04 1.36
N THR B 194 -20.35 -16.21 1.21
CA THR B 194 -20.31 -14.94 1.87
C THR B 194 -21.45 -14.55 2.80
N ALA B 195 -22.59 -15.23 2.75
CA ALA B 195 -23.72 -14.86 3.60
C ALA B 195 -24.13 -15.86 4.66
N SER B 196 -23.97 -17.15 4.37
CA SER B 196 -24.29 -18.28 5.25
C SER B 196 -23.77 -18.14 6.69
N LEU B 197 -22.59 -17.58 6.85
CA LEU B 197 -22.03 -17.41 8.17
C LEU B 197 -22.78 -16.41 9.03
N ILE B 198 -23.05 -15.22 8.49
CA ILE B 198 -23.76 -14.20 9.28
C ILE B 198 -25.21 -14.65 9.43
N SER B 199 -25.66 -15.35 8.42
CA SER B 199 -26.96 -15.93 8.34
C SER B 199 -27.17 -16.94 9.52
N ASN B 200 -26.39 -18.02 9.54
CA ASN B 200 -26.49 -19.01 10.63
C ASN B 200 -26.14 -18.43 12.00
N SER B 201 -25.22 -17.50 12.04
CA SER B 201 -24.86 -16.87 13.30
C SER B 201 -26.07 -16.12 13.90
N CYS B 202 -26.80 -15.38 13.05
CA CYS B 202 -27.97 -14.65 13.55
C CYS B 202 -28.98 -15.64 14.13
N LYS B 203 -29.21 -16.75 13.44
CA LYS B 203 -30.12 -17.74 13.98
C LYS B 203 -29.59 -18.21 15.34
N ALA B 204 -28.32 -18.60 15.39
CA ALA B 204 -27.79 -19.04 16.66
C ALA B 204 -28.11 -18.03 17.77
N VAL B 205 -27.95 -16.74 17.51
CA VAL B 205 -28.24 -15.75 18.55
C VAL B 205 -29.68 -15.87 19.00
N ALA B 206 -30.59 -16.14 18.08
CA ALA B 206 -31.98 -16.23 18.50
C ALA B 206 -32.21 -17.50 19.30
N VAL B 207 -31.72 -18.60 18.76
CA VAL B 207 -31.88 -19.89 19.40
C VAL B 207 -31.27 -19.88 20.81
N LEU B 208 -30.22 -19.10 20.99
CA LEU B 208 -29.53 -19.00 22.27
C LEU B 208 -30.25 -18.03 23.19
N THR B 209 -31.33 -17.45 22.69
CA THR B 209 -32.09 -16.51 23.49
C THR B 209 -33.43 -17.22 23.68
N GLY B 210 -33.44 -18.50 23.35
CA GLY B 210 -34.64 -19.31 23.46
C GLY B 210 -35.87 -18.69 22.83
N GLN B 211 -35.70 -18.22 21.59
CA GLN B 211 -36.81 -17.62 20.87
C GLN B 211 -37.51 -18.74 20.16
N THR B 212 -38.73 -18.49 19.72
CA THR B 212 -39.44 -19.55 19.05
C THR B 212 -38.71 -19.95 17.79
N ALA B 213 -39.18 -21.03 17.17
CA ALA B 213 -38.58 -21.55 15.97
C ALA B 213 -38.84 -20.64 14.78
N GLU B 214 -39.91 -19.86 14.87
CA GLU B 214 -40.27 -18.97 13.77
C GLU B 214 -39.52 -17.65 13.86
N VAL B 215 -39.25 -17.19 15.07
CA VAL B 215 -38.47 -15.97 15.21
C VAL B 215 -37.03 -16.27 14.77
N ALA B 216 -36.62 -17.50 15.00
CA ALA B 216 -35.28 -17.88 14.64
C ALA B 216 -35.13 -17.78 13.14
N VAL B 217 -36.12 -18.25 12.39
CA VAL B 217 -36.03 -18.15 10.96
C VAL B 217 -35.96 -16.67 10.55
N LEU B 218 -36.62 -15.79 11.28
CA LEU B 218 -36.61 -14.39 10.91
C LEU B 218 -35.22 -13.80 11.07
N ALA B 219 -34.53 -14.26 12.12
CA ALA B 219 -33.21 -13.74 12.40
C ALA B 219 -32.29 -14.23 11.28
N PHE B 220 -32.56 -15.42 10.79
CA PHE B 220 -31.76 -15.96 9.71
C PHE B 220 -32.05 -15.14 8.42
N GLU B 221 -33.32 -14.95 8.10
CA GLU B 221 -33.64 -14.20 6.93
C GLU B 221 -33.06 -12.79 6.96
N TYR B 222 -32.87 -12.19 8.13
CA TYR B 222 -32.29 -10.84 8.16
C TYR B 222 -30.83 -10.90 7.73
N GLY B 223 -30.11 -11.84 8.34
CA GLY B 223 -28.70 -12.06 8.07
C GLY B 223 -28.44 -12.48 6.64
N ARG B 224 -29.20 -13.45 6.15
CA ARG B 224 -29.00 -13.86 4.79
C ARG B 224 -29.20 -12.68 3.84
N ASN B 225 -30.33 -12.01 3.96
CA ASN B 225 -30.61 -10.95 3.03
C ASN B 225 -29.76 -9.74 3.16
N LEU B 226 -29.33 -9.40 4.37
CA LEU B 226 -28.49 -8.24 4.47
C LEU B 226 -27.13 -8.67 3.93
N GLY B 227 -26.78 -9.92 4.18
CA GLY B 227 -25.53 -10.44 3.68
C GLY B 227 -25.46 -10.34 2.18
N LEU B 228 -26.48 -10.82 1.49
CA LEU B 228 -26.48 -10.75 0.05
C LEU B 228 -26.48 -9.32 -0.46
N ALA B 229 -27.19 -8.43 0.21
CA ALA B 229 -27.23 -7.04 -0.26
C ALA B 229 -25.82 -6.43 -0.14
N PHE B 230 -25.18 -6.72 0.97
CA PHE B 230 -23.86 -6.20 1.17
C PHE B 230 -22.94 -6.60 0.04
N GLN B 231 -23.00 -7.86 -0.37
CA GLN B 231 -22.14 -8.34 -1.45
C GLN B 231 -22.52 -7.71 -2.77
N LEU B 232 -23.81 -7.59 -3.06
CA LEU B 232 -24.22 -6.96 -4.30
C LEU B 232 -23.73 -5.51 -4.31
N ILE B 233 -23.85 -4.80 -3.20
CA ILE B 233 -23.37 -3.41 -3.16
C ILE B 233 -21.85 -3.31 -3.39
N ASP B 234 -21.09 -4.18 -2.73
CA ASP B 234 -19.64 -4.26 -2.95
C ASP B 234 -19.33 -4.43 -4.46
N ASP B 235 -19.95 -5.43 -5.12
CA ASP B 235 -19.73 -5.65 -6.56
C ASP B 235 -19.94 -4.34 -7.30
N ILE B 236 -20.98 -3.63 -6.96
CA ILE B 236 -21.23 -2.38 -7.64
C ILE B 236 -20.13 -1.34 -7.33
N LEU B 237 -19.74 -1.19 -6.07
CA LEU B 237 -18.71 -0.22 -5.72
C LEU B 237 -17.38 -0.51 -6.41
N ASP B 238 -17.15 -1.78 -6.73
CA ASP B 238 -15.90 -2.10 -7.42
C ASP B 238 -15.83 -1.43 -8.79
N PHE B 239 -16.97 -1.21 -9.43
CA PHE B 239 -17.04 -0.57 -10.73
C PHE B 239 -17.18 0.95 -10.69
N THR B 240 -17.88 1.46 -9.68
CA THR B 240 -18.16 2.89 -9.62
C THR B 240 -17.40 3.63 -8.57
N GLY B 241 -16.91 2.89 -7.59
CA GLY B 241 -16.18 3.53 -6.52
C GLY B 241 -16.98 4.57 -5.75
N THR B 242 -16.20 5.41 -5.08
CA THR B 242 -16.67 6.50 -4.25
C THR B 242 -17.44 7.53 -5.10
N SER B 243 -16.88 7.87 -6.25
CA SER B 243 -17.46 8.85 -7.18
C SER B 243 -18.88 8.58 -7.70
N ALA B 244 -19.34 7.32 -7.64
CA ALA B 244 -20.66 6.93 -8.15
C ALA B 244 -20.69 7.14 -9.68
N SER B 245 -19.54 6.88 -10.29
CA SER B 245 -19.37 6.99 -11.73
C SER B 245 -18.69 5.76 -12.29
N LEU B 246 -19.42 5.05 -13.12
CA LEU B 246 -18.89 3.86 -13.76
C LEU B 246 -17.45 4.09 -14.25
N GLY B 247 -16.57 3.15 -13.94
CA GLY B 247 -15.20 3.27 -14.40
C GLY B 247 -14.21 3.86 -13.41
N LYS B 248 -14.68 4.65 -12.44
CA LYS B 248 -13.81 5.28 -11.44
C LYS B 248 -13.59 4.41 -10.21
N GLY B 249 -14.08 3.18 -10.27
CA GLY B 249 -13.90 2.27 -9.15
C GLY B 249 -12.55 1.60 -9.26
N SER B 250 -12.22 0.75 -8.30
CA SER B 250 -10.94 0.12 -8.36
C SER B 250 -10.80 -0.85 -9.54
N LEU B 251 -11.92 -1.49 -9.89
CA LEU B 251 -12.06 -2.48 -10.96
C LEU B 251 -11.25 -3.72 -10.70
N SER B 252 -11.03 -4.06 -9.45
CA SER B 252 -10.23 -5.23 -9.20
C SER B 252 -10.89 -6.57 -9.49
N ASP B 253 -12.21 -6.64 -9.53
CA ASP B 253 -12.84 -7.92 -9.83
C ASP B 253 -12.68 -8.20 -11.31
N ILE B 254 -13.10 -7.30 -12.17
CA ILE B 254 -13.03 -7.53 -13.60
C ILE B 254 -11.60 -7.69 -14.11
N ARG B 255 -10.67 -6.88 -13.60
CA ARG B 255 -9.28 -7.02 -14.06
C ARG B 255 -8.73 -8.37 -13.75
N HIS B 256 -9.34 -9.10 -12.82
CA HIS B 256 -8.85 -10.42 -12.48
C HIS B 256 -9.76 -11.51 -12.99
N GLY B 257 -10.63 -11.16 -13.92
CA GLY B 257 -11.54 -12.14 -14.48
C GLY B 257 -12.57 -12.72 -13.52
N VAL B 258 -13.00 -11.91 -12.55
CA VAL B 258 -14.01 -12.30 -11.56
C VAL B 258 -15.27 -11.62 -12.03
N ILE B 259 -16.23 -12.43 -12.49
CA ILE B 259 -17.47 -11.93 -13.06
C ILE B 259 -18.55 -11.72 -12.04
N THR B 260 -18.93 -10.47 -11.85
CA THR B 260 -19.91 -10.15 -10.85
C THR B 260 -21.24 -9.71 -11.41
N ALA B 261 -22.23 -9.58 -10.52
CA ALA B 261 -23.60 -9.24 -10.91
C ALA B 261 -23.76 -8.19 -11.99
N PRO B 262 -23.11 -7.01 -11.80
CA PRO B 262 -23.32 -6.03 -12.88
C PRO B 262 -23.01 -6.54 -14.32
N ILE B 263 -21.92 -7.31 -14.48
CA ILE B 263 -21.56 -7.82 -15.79
C ILE B 263 -22.54 -8.89 -16.21
N LEU B 264 -22.89 -9.75 -15.26
CA LEU B 264 -23.85 -10.83 -15.50
C LEU B 264 -25.17 -10.26 -15.99
N PHE B 265 -25.65 -9.21 -15.38
CA PHE B 265 -26.88 -8.66 -15.87
C PHE B 265 -26.59 -8.04 -17.25
N ALA B 266 -25.40 -7.51 -17.43
CA ALA B 266 -25.07 -6.85 -18.69
C ALA B 266 -25.00 -7.88 -19.82
N MET B 267 -24.57 -9.08 -19.48
CA MET B 267 -24.47 -10.11 -20.48
C MET B 267 -25.87 -10.55 -20.96
N GLU B 268 -26.90 -10.21 -20.20
CA GLU B 268 -28.24 -10.58 -20.59
C GLU B 268 -28.75 -9.66 -21.71
N GLU B 269 -28.27 -8.43 -21.68
CA GLU B 269 -28.65 -7.40 -22.64
C GLU B 269 -27.69 -7.30 -23.85
N PHE B 270 -26.57 -8.01 -23.83
CA PHE B 270 -25.56 -7.95 -24.89
C PHE B 270 -24.77 -9.25 -24.91
N PRO B 271 -25.24 -10.26 -25.64
CA PRO B 271 -24.44 -11.49 -25.60
C PRO B 271 -23.07 -11.37 -26.22
N GLN B 272 -22.79 -10.22 -26.82
CA GLN B 272 -21.48 -9.97 -27.40
C GLN B 272 -20.49 -9.99 -26.25
N LEU B 273 -20.81 -9.18 -25.23
CA LEU B 273 -19.97 -9.01 -24.06
C LEU B 273 -19.34 -10.27 -23.59
N ARG B 274 -19.95 -11.40 -23.93
CA ARG B 274 -19.40 -12.66 -23.44
C ARG B 274 -18.07 -12.95 -24.10
N GLU B 275 -17.90 -12.61 -25.37
CA GLU B 275 -16.62 -12.89 -26.01
C GLU B 275 -15.60 -11.92 -25.42
N VAL B 276 -16.03 -10.70 -25.14
CA VAL B 276 -15.12 -9.73 -24.55
C VAL B 276 -14.65 -10.17 -23.18
N VAL B 277 -15.61 -10.42 -22.30
CA VAL B 277 -15.31 -10.86 -20.92
C VAL B 277 -14.37 -12.05 -20.85
N ASP B 278 -14.37 -12.95 -21.83
CA ASP B 278 -13.44 -14.10 -21.79
C ASP B 278 -12.00 -13.68 -22.02
N GLN B 279 -11.81 -12.56 -22.71
CA GLN B 279 -10.46 -12.17 -22.96
C GLN B 279 -9.89 -11.16 -21.97
N VAL B 280 -10.68 -10.70 -20.98
CA VAL B 280 -10.18 -9.69 -20.05
C VAL B 280 -8.82 -9.90 -19.44
N GLU B 281 -8.32 -11.12 -19.41
CA GLU B 281 -7.01 -11.30 -18.86
C GLU B 281 -6.00 -11.72 -19.91
N LYS B 282 -6.43 -11.80 -21.16
CA LYS B 282 -5.51 -12.17 -22.23
C LYS B 282 -5.09 -10.86 -22.91
N ASP B 283 -5.92 -9.84 -22.79
CA ASP B 283 -5.64 -8.55 -23.33
C ASP B 283 -6.40 -7.55 -22.48
N PRO B 284 -5.68 -6.82 -21.60
CA PRO B 284 -6.24 -5.82 -20.69
C PRO B 284 -7.07 -4.74 -21.31
N ARG B 285 -6.97 -4.51 -22.60
CA ARG B 285 -7.78 -3.45 -23.18
C ARG B 285 -9.23 -3.90 -23.30
N ASN B 286 -9.47 -5.14 -22.94
CA ASN B 286 -10.82 -5.67 -22.98
C ASN B 286 -11.62 -5.21 -21.81
N VAL B 287 -10.93 -4.89 -20.72
CA VAL B 287 -11.63 -4.38 -19.56
C VAL B 287 -12.36 -3.13 -19.98
N ASP B 288 -11.71 -2.24 -20.70
CA ASP B 288 -12.43 -1.06 -21.08
C ASP B 288 -13.51 -1.22 -22.10
N ILE B 289 -13.44 -2.25 -22.94
CA ILE B 289 -14.51 -2.50 -23.91
C ILE B 289 -15.72 -3.02 -23.08
N ALA B 290 -15.42 -3.81 -22.04
CA ALA B 290 -16.43 -4.37 -21.16
C ALA B 290 -17.15 -3.27 -20.43
N LEU B 291 -16.45 -2.24 -19.98
CA LEU B 291 -17.14 -1.15 -19.27
C LEU B 291 -17.96 -0.30 -20.22
N GLU B 292 -17.73 -0.46 -21.51
CA GLU B 292 -18.47 0.31 -22.47
C GLU B 292 -19.80 -0.43 -22.63
N TYR B 293 -19.75 -1.75 -22.67
CA TYR B 293 -21.00 -2.48 -22.77
C TYR B 293 -21.81 -2.33 -21.47
N LEU B 294 -21.13 -2.39 -20.33
CA LEU B 294 -21.81 -2.26 -19.06
C LEU B 294 -22.48 -0.90 -18.99
N GLY B 295 -21.81 0.11 -19.53
CA GLY B 295 -22.34 1.46 -19.52
C GLY B 295 -23.61 1.67 -20.32
N LYS B 296 -23.84 0.85 -21.34
CA LYS B 296 -25.01 0.96 -22.19
C LYS B 296 -26.12 0.07 -21.71
N SER B 297 -25.75 -0.76 -20.75
CA SER B 297 -26.66 -1.72 -20.18
C SER B 297 -27.28 -1.13 -18.95
N LYS B 298 -28.12 -1.93 -18.30
CA LYS B 298 -28.80 -1.54 -17.10
C LYS B 298 -28.22 -2.42 -16.01
N GLY B 299 -27.04 -2.96 -16.27
CA GLY B 299 -26.37 -3.83 -15.32
C GLY B 299 -26.10 -3.30 -13.94
N ILE B 300 -25.51 -2.12 -13.81
CA ILE B 300 -25.27 -1.55 -12.50
C ILE B 300 -26.62 -1.32 -11.83
N GLN B 301 -27.55 -0.78 -12.59
CA GLN B 301 -28.88 -0.50 -12.10
C GLN B 301 -29.59 -1.73 -11.60
N ARG B 302 -29.56 -2.80 -12.38
CA ARG B 302 -30.24 -3.99 -11.94
C ARG B 302 -29.53 -4.67 -10.76
N ALA B 303 -28.23 -4.44 -10.63
CA ALA B 303 -27.57 -5.06 -9.52
C ALA B 303 -27.99 -4.27 -8.29
N ARG B 304 -28.06 -2.96 -8.44
CA ARG B 304 -28.49 -2.17 -7.31
C ARG B 304 -29.93 -2.50 -6.94
N GLU B 305 -30.83 -2.60 -7.91
CA GLU B 305 -32.24 -2.91 -7.59
C GLU B 305 -32.34 -4.28 -6.88
N LEU B 306 -31.46 -5.22 -7.25
CA LEU B 306 -31.49 -6.54 -6.56
C LEU B 306 -30.98 -6.41 -5.12
N ALA B 307 -29.95 -5.60 -4.92
CA ALA B 307 -29.47 -5.39 -3.58
C ALA B 307 -30.60 -4.80 -2.71
N MET B 308 -31.32 -3.81 -3.24
CA MET B 308 -32.43 -3.15 -2.54
C MET B 308 -33.57 -4.13 -2.19
N GLU B 309 -33.90 -5.01 -3.11
CA GLU B 309 -34.92 -5.99 -2.89
C GLU B 309 -34.44 -6.80 -1.71
N HIS B 310 -33.17 -7.21 -1.73
CA HIS B 310 -32.67 -7.96 -0.60
C HIS B 310 -32.63 -7.17 0.69
N ALA B 311 -32.18 -5.91 0.70
CA ALA B 311 -32.16 -5.20 1.98
C ALA B 311 -33.58 -5.11 2.58
N ASN B 312 -34.57 -4.99 1.69
CA ASN B 312 -35.99 -4.94 2.06
C ASN B 312 -36.42 -6.23 2.76
N LEU B 313 -36.06 -7.37 2.19
CA LEU B 313 -36.45 -8.61 2.84
C LEU B 313 -35.86 -8.64 4.25
N ALA B 314 -34.69 -8.06 4.40
CA ALA B 314 -34.11 -8.04 5.70
C ALA B 314 -34.98 -7.17 6.62
N ALA B 315 -35.27 -5.96 6.17
CA ALA B 315 -36.06 -5.06 6.98
C ALA B 315 -37.39 -5.72 7.33
N ALA B 316 -37.99 -6.38 6.34
CA ALA B 316 -39.26 -7.04 6.52
C ALA B 316 -39.21 -7.97 7.69
N ALA B 317 -38.15 -8.76 7.74
CA ALA B 317 -37.97 -9.72 8.81
C ALA B 317 -37.96 -9.00 10.15
N ILE B 318 -37.30 -7.87 10.24
CA ILE B 318 -37.28 -7.18 11.50
C ILE B 318 -38.70 -6.79 11.87
N GLY B 319 -39.49 -6.51 10.84
CA GLY B 319 -40.87 -6.11 11.03
C GLY B 319 -41.85 -7.20 11.46
N SER B 320 -41.45 -8.46 11.29
CA SER B 320 -42.29 -9.55 11.69
C SER B 320 -41.94 -10.05 13.07
N LEU B 321 -40.93 -9.46 13.69
CA LEU B 321 -40.60 -9.85 15.06
C LEU B 321 -41.80 -9.60 15.98
N PRO B 322 -42.00 -10.48 16.95
CA PRO B 322 -43.11 -10.34 17.90
C PRO B 322 -43.13 -8.92 18.51
N GLU B 323 -44.31 -8.45 18.90
CA GLU B 323 -44.37 -7.12 19.48
C GLU B 323 -43.62 -7.10 20.79
N THR B 324 -43.23 -5.93 21.24
CA THR B 324 -42.47 -5.83 22.47
C THR B 324 -42.84 -4.50 23.09
N ASP B 325 -42.67 -4.36 24.40
CA ASP B 325 -43.01 -3.10 25.06
C ASP B 325 -41.73 -2.45 25.56
N ASN B 326 -40.62 -3.15 25.40
CA ASN B 326 -39.33 -2.67 25.87
C ASN B 326 -38.76 -1.65 24.90
N GLU B 327 -38.42 -0.46 25.40
CA GLU B 327 -37.88 0.61 24.55
C GLU B 327 -36.48 0.36 23.98
N ASP B 328 -35.74 -0.57 24.58
CA ASP B 328 -34.42 -0.89 24.10
C ASP B 328 -34.58 -1.87 22.96
N VAL B 329 -35.48 -2.81 23.12
CA VAL B 329 -35.69 -3.78 22.07
C VAL B 329 -36.09 -3.03 20.81
N LYS B 330 -37.05 -2.12 20.98
CA LYS B 330 -37.54 -1.34 19.87
C LYS B 330 -36.42 -0.64 19.16
N ARG B 331 -35.60 0.08 19.93
CA ARG B 331 -34.48 0.84 19.40
C ARG B 331 -33.40 -0.01 18.70
N SER B 332 -33.27 -1.26 19.10
CA SER B 332 -32.29 -2.16 18.49
C SER B 332 -32.83 -2.54 17.13
N ARG B 333 -34.13 -2.84 17.13
CA ARG B 333 -34.85 -3.20 15.92
C ARG B 333 -34.84 -2.04 14.91
N ARG B 334 -34.77 -0.82 15.40
CA ARG B 334 -34.78 0.28 14.47
C ARG B 334 -33.42 0.43 13.83
N ALA B 335 -32.39 0.09 14.61
CA ALA B 335 -31.02 0.19 14.13
C ALA B 335 -30.81 -0.89 13.07
N LEU B 336 -31.36 -2.10 13.25
CA LEU B 336 -31.17 -3.15 12.25
C LEU B 336 -31.81 -2.74 10.92
N ILE B 337 -32.94 -2.06 11.01
CA ILE B 337 -33.60 -1.62 9.80
C ILE B 337 -32.73 -0.58 9.13
N ASP B 338 -32.13 0.30 9.93
CA ASP B 338 -31.26 1.38 9.45
C ASP B 338 -30.06 0.85 8.72
N LEU B 339 -29.45 -0.19 9.26
CA LEU B 339 -28.27 -0.85 8.66
C LEU B 339 -28.66 -1.28 7.25
N THR B 340 -29.88 -1.73 7.12
CA THR B 340 -30.43 -2.15 5.86
C THR B 340 -30.29 -1.02 4.86
N HIS B 341 -30.59 0.20 5.32
CA HIS B 341 -30.52 1.39 4.49
C HIS B 341 -29.05 1.84 4.29
N ARG B 342 -28.22 1.66 5.31
CA ARG B 342 -26.83 2.08 5.22
C ARG B 342 -25.99 1.19 4.30
N VAL B 343 -26.29 -0.11 4.26
CA VAL B 343 -25.58 -1.04 3.39
C VAL B 343 -25.82 -0.59 1.96
N ILE B 344 -27.05 -0.24 1.67
CA ILE B 344 -27.38 0.19 0.32
C ILE B 344 -26.82 1.55 -0.11
N THR B 345 -26.57 2.47 0.83
CA THR B 345 -26.04 3.76 0.42
C THR B 345 -24.54 3.91 0.68
N ARG B 346 -23.87 2.81 1.05
CA ARG B 346 -22.43 2.83 1.26
C ARG B 346 -21.76 3.53 0.10
N ASN B 347 -20.74 4.28 0.44
CA ASN B 347 -19.97 4.99 -0.55
C ASN B 347 -18.72 4.15 -0.78
N LYS B 348 -18.43 3.35 0.24
CA LYS B 348 -17.29 2.43 0.24
C LYS B 348 -17.56 1.38 1.32
#